data_3T8B
#
_entry.id   3T8B
#
_cell.length_a   132.233
_cell.length_b   132.233
_cell.length_c   71.139
_cell.angle_alpha   90.000
_cell.angle_beta   90.000
_cell.angle_gamma   120.000
#
_symmetry.space_group_name_H-M   'H 3'
#
loop_
_entity.id
_entity.type
_entity.pdbx_description
1 polymer '1,4-Dihydroxy-2-naphthoyl-CoA synthase'
2 non-polymer GLYCEROL
3 water water
#
_entity_poly.entity_id   1
_entity_poly.type   'polypeptide(L)'
_entity_poly.pdbx_seq_one_letter_code
;MGSSHHHHHHSSGLVPRGSHMVAPAGEQGRSSTALSDNPFDAKAWRLVDGFDDLTDITYHRHVDDATVRVAFNRPEVRNA
FRPHTVDELYRVLDHARMSPDVGVVLLTGNGPSPKDGGWAFCSGGDQRIRGRSGYQYASGDTADTVDVARAGRLHILEVQ
RLIRFMPKVVICLVNGWAAGGGHSLHVVCDLTLASREYARFKQTDADVGSFDGGYGSAYLARQVGQKFAREIFFLGRTYT
AEQMHQMGAVNAVAEHAELETVGLQWAAEINAKSPQAQRMLKFAFNLLDDGLVGQQLFAGEATRLAYMTDEAVEGRDAFL
QKRPPDWSPFPRYF
;
_entity_poly.pdbx_strand_id   A,B
#
# COMPACT_ATOMS: atom_id res chain seq x y z
C SER A 36 -6.25 -26.63 -26.35
N ASP A 37 -5.80 -25.48 -26.86
CA ASP A 37 -4.55 -24.88 -26.39
C ASP A 37 -4.75 -24.09 -25.09
N ASN A 38 -5.95 -24.13 -24.53
CA ASN A 38 -6.24 -23.40 -23.30
C ASN A 38 -5.53 -24.02 -22.11
N PRO A 39 -4.82 -23.19 -21.32
CA PRO A 39 -4.08 -23.65 -20.14
C PRO A 39 -5.00 -24.24 -19.08
N PHE A 40 -6.27 -23.83 -19.06
CA PHE A 40 -7.20 -24.25 -18.03
C PHE A 40 -7.80 -25.62 -18.31
N ASP A 41 -7.50 -26.57 -17.44
CA ASP A 41 -8.05 -27.92 -17.52
C ASP A 41 -9.21 -28.04 -16.54
N ALA A 42 -10.40 -27.63 -16.99
CA ALA A 42 -11.57 -27.49 -16.12
C ALA A 42 -11.86 -28.72 -15.25
N LYS A 43 -11.76 -29.91 -15.83
CA LYS A 43 -12.15 -31.11 -15.11
C LYS A 43 -11.25 -31.38 -13.90
N ALA A 44 -10.11 -30.71 -13.85
CA ALA A 44 -9.17 -30.91 -12.74
C ALA A 44 -9.50 -30.04 -11.53
N TRP A 45 -10.54 -29.23 -11.63
CA TRP A 45 -10.85 -28.22 -10.61
C TRP A 45 -12.29 -28.27 -10.13
N ARG A 46 -12.52 -27.79 -8.91
CA ARG A 46 -13.86 -27.64 -8.37
C ARG A 46 -13.97 -26.28 -7.70
N LEU A 47 -15.16 -25.68 -7.75
CA LEU A 47 -15.38 -24.39 -7.11
C LEU A 47 -15.25 -24.50 -5.60
N VAL A 48 -14.58 -23.53 -4.99
CA VAL A 48 -14.53 -23.42 -3.55
C VAL A 48 -15.89 -22.95 -3.05
N ASP A 49 -16.43 -23.62 -2.05
CA ASP A 49 -17.72 -23.26 -1.48
C ASP A 49 -17.69 -21.89 -0.81
N GLY A 50 -18.81 -21.16 -0.89
CA GLY A 50 -18.96 -19.92 -0.17
C GLY A 50 -18.65 -18.67 -0.97
N PHE A 51 -18.52 -18.82 -2.28
CA PHE A 51 -18.17 -17.70 -3.15
C PHE A 51 -19.08 -17.62 -4.38
N ASP A 52 -20.35 -17.97 -4.18
CA ASP A 52 -21.33 -17.98 -5.27
C ASP A 52 -21.54 -16.61 -5.89
N ASP A 53 -21.18 -15.57 -5.15
CA ASP A 53 -21.43 -14.20 -5.62
C ASP A 53 -20.27 -13.58 -6.39
N LEU A 54 -19.20 -14.33 -6.62
CA LEU A 54 -18.06 -13.83 -7.40
C LEU A 54 -18.46 -13.56 -8.84
N THR A 55 -18.05 -12.40 -9.35
CA THR A 55 -18.34 -12.02 -10.73
C THR A 55 -17.09 -11.75 -11.55
N ASP A 56 -16.03 -11.26 -10.90
CA ASP A 56 -14.84 -10.78 -11.60
C ASP A 56 -13.64 -11.72 -11.44
N ILE A 57 -13.79 -12.72 -10.57
CA ILE A 57 -12.71 -13.62 -10.19
C ILE A 57 -13.27 -15.04 -10.14
N THR A 58 -12.48 -16.03 -10.55
CA THR A 58 -12.83 -17.42 -10.31
C THR A 58 -11.93 -18.01 -9.23
N TYR A 59 -12.47 -18.95 -8.47
CA TYR A 59 -11.77 -19.50 -7.31
C TYR A 59 -12.06 -21.01 -7.23
N HIS A 60 -11.05 -21.81 -7.57
CA HIS A 60 -11.19 -23.26 -7.58
C HIS A 60 -10.16 -23.94 -6.68
N ARG A 61 -10.50 -25.15 -6.25
CA ARG A 61 -9.58 -26.02 -5.53
C ARG A 61 -9.33 -27.25 -6.39
N HIS A 62 -8.10 -27.72 -6.43
CA HIS A 62 -7.78 -28.90 -7.23
C HIS A 62 -8.53 -30.14 -6.72
N VAL A 63 -8.88 -31.05 -7.63
CA VAL A 63 -9.64 -32.23 -7.22
C VAL A 63 -8.85 -33.13 -6.27
N ASP A 64 -7.51 -33.06 -6.34
CA ASP A 64 -6.65 -33.93 -5.53
C ASP A 64 -5.65 -33.17 -4.66
N ASP A 65 -5.07 -32.11 -5.20
CA ASP A 65 -3.95 -31.42 -4.57
C ASP A 65 -4.37 -30.29 -3.63
N ALA A 66 -3.51 -30.00 -2.65
CA ALA A 66 -3.71 -28.87 -1.75
C ALA A 66 -3.34 -27.57 -2.44
N THR A 67 -3.97 -27.32 -3.58
CA THR A 67 -3.63 -26.18 -4.43
C THR A 67 -4.92 -25.52 -4.89
N VAL A 68 -4.95 -24.20 -4.84
CA VAL A 68 -6.11 -23.46 -5.36
C VAL A 68 -5.71 -22.64 -6.59
N ARG A 69 -6.71 -22.33 -7.41
CA ARG A 69 -6.53 -21.51 -8.60
C ARG A 69 -7.39 -20.26 -8.46
N VAL A 70 -6.74 -19.11 -8.45
CA VAL A 70 -7.40 -17.82 -8.33
C VAL A 70 -7.12 -17.05 -9.62
N ALA A 71 -8.19 -16.64 -10.32
CA ALA A 71 -8.01 -16.08 -11.66
C ALA A 71 -8.89 -14.88 -11.96
N PHE A 72 -8.31 -13.86 -12.59
CA PHE A 72 -9.10 -12.77 -13.15
C PHE A 72 -10.06 -13.34 -14.18
N ASN A 73 -11.31 -12.88 -14.12
CA ASN A 73 -12.33 -13.44 -14.99
C ASN A 73 -13.03 -12.38 -15.84
N ARG A 74 -12.24 -11.49 -16.43
CA ARG A 74 -12.77 -10.45 -17.31
C ARG A 74 -11.95 -10.38 -18.60
N PRO A 75 -11.86 -11.50 -19.33
CA PRO A 75 -10.98 -11.56 -20.51
C PRO A 75 -11.40 -10.55 -21.56
N GLU A 76 -12.67 -10.20 -21.58
CA GLU A 76 -13.20 -9.30 -22.60
C GLU A 76 -12.57 -7.90 -22.48
N VAL A 77 -12.12 -7.57 -21.26
CA VAL A 77 -11.42 -6.30 -21.03
C VAL A 77 -9.99 -6.53 -20.56
N ARG A 78 -9.37 -7.59 -21.08
CA ARG A 78 -7.96 -7.91 -20.82
C ARG A 78 -7.68 -8.06 -19.33
N ASN A 79 -8.68 -8.56 -18.60
CA ASN A 79 -8.53 -8.84 -17.18
C ASN A 79 -8.08 -7.63 -16.36
N ALA A 80 -8.56 -6.46 -16.77
CA ALA A 80 -8.38 -5.26 -15.97
C ALA A 80 -9.17 -5.39 -14.68
N PHE A 81 -8.65 -4.81 -13.59
CA PHE A 81 -9.41 -4.78 -12.36
C PHE A 81 -10.11 -3.45 -12.11
N ARG A 82 -11.35 -3.53 -11.67
CA ARG A 82 -12.08 -2.40 -11.12
C ARG A 82 -12.10 -2.60 -9.61
N PRO A 83 -12.52 -1.58 -8.85
CA PRO A 83 -12.53 -1.74 -7.40
C PRO A 83 -13.23 -3.01 -6.93
N HIS A 84 -14.34 -3.35 -7.56
CA HIS A 84 -15.06 -4.58 -7.22
C HIS A 84 -14.16 -5.81 -7.39
N THR A 85 -13.36 -5.82 -8.45
CA THR A 85 -12.45 -6.94 -8.71
C THR A 85 -11.47 -7.10 -7.58
N VAL A 86 -10.92 -5.98 -7.12
CA VAL A 86 -9.92 -6.00 -6.05
C VAL A 86 -10.53 -6.55 -4.76
N ASP A 87 -11.76 -6.13 -4.47
CA ASP A 87 -12.45 -6.62 -3.29
C ASP A 87 -12.61 -8.13 -3.34
N GLU A 88 -13.07 -8.66 -4.47
CA GLU A 88 -13.20 -10.11 -4.64
C GLU A 88 -11.85 -10.81 -4.53
N LEU A 89 -10.84 -10.25 -5.18
CA LEU A 89 -9.52 -10.85 -5.19
C LEU A 89 -8.98 -10.95 -3.77
N TYR A 90 -9.15 -9.89 -3.01
CA TYR A 90 -8.70 -9.89 -1.63
C TYR A 90 -9.40 -10.95 -0.79
N ARG A 91 -10.72 -11.00 -0.84
CA ARG A 91 -11.51 -11.95 -0.06
CA ARG A 91 -11.43 -11.94 0.01
C ARG A 91 -11.16 -13.39 -0.38
N VAL A 92 -10.93 -13.64 -1.67
CA VAL A 92 -10.59 -14.98 -2.13
C VAL A 92 -9.19 -15.39 -1.60
N LEU A 93 -8.21 -14.52 -1.77
CA LEU A 93 -6.86 -14.81 -1.32
C LEU A 93 -6.79 -14.94 0.21
N ASP A 94 -7.59 -14.12 0.90
CA ASP A 94 -7.66 -14.14 2.35
C ASP A 94 -8.24 -15.48 2.81
N HIS A 95 -9.23 -15.98 2.08
CA HIS A 95 -9.83 -17.28 2.38
C HIS A 95 -8.79 -18.38 2.16
N ALA A 96 -8.05 -18.30 1.06
CA ALA A 96 -6.99 -19.27 0.79
C ALA A 96 -5.96 -19.26 1.91
N ARG A 97 -5.62 -18.07 2.40
CA ARG A 97 -4.70 -17.91 3.49
C ARG A 97 -5.18 -18.64 4.75
N MET A 98 -6.48 -18.57 5.01
CA MET A 98 -7.05 -19.14 6.23
CA MET A 98 -7.03 -19.15 6.24
C MET A 98 -7.48 -20.60 6.08
N SER A 99 -7.33 -21.16 4.89
CA SER A 99 -7.74 -22.55 4.64
C SER A 99 -6.65 -23.55 5.02
N PRO A 100 -6.87 -24.31 6.11
CA PRO A 100 -5.86 -25.23 6.64
C PRO A 100 -5.35 -26.24 5.61
N ASP A 101 -6.22 -26.68 4.72
CA ASP A 101 -5.85 -27.70 3.74
C ASP A 101 -5.43 -27.15 2.38
N VAL A 102 -5.09 -25.86 2.33
CA VAL A 102 -4.55 -25.27 1.12
C VAL A 102 -3.09 -24.90 1.35
N GLY A 103 -2.21 -25.43 0.52
CA GLY A 103 -0.79 -25.15 0.64
C GLY A 103 -0.32 -24.06 -0.30
N VAL A 104 -0.77 -24.13 -1.54
CA VAL A 104 -0.25 -23.27 -2.60
C VAL A 104 -1.36 -22.58 -3.39
N VAL A 105 -1.12 -21.32 -3.75
CA VAL A 105 -2.03 -20.57 -4.58
C VAL A 105 -1.43 -20.39 -5.97
N LEU A 106 -2.21 -20.75 -7.00
CA LEU A 106 -1.87 -20.39 -8.37
C LEU A 106 -2.71 -19.18 -8.74
N LEU A 107 -2.03 -18.07 -9.06
CA LEU A 107 -2.71 -16.83 -9.42
C LEU A 107 -2.53 -16.57 -10.90
N THR A 108 -3.64 -16.47 -11.64
CA THR A 108 -3.55 -16.36 -13.10
C THR A 108 -4.72 -15.54 -13.68
N GLY A 109 -4.85 -15.57 -15.00
CA GLY A 109 -5.94 -14.89 -15.67
C GLY A 109 -6.63 -15.84 -16.63
N ASN A 110 -7.96 -15.77 -16.68
CA ASN A 110 -8.72 -16.60 -17.60
C ASN A 110 -8.69 -16.00 -18.99
N GLY A 111 -8.80 -16.85 -20.01
CA GLY A 111 -8.78 -16.37 -21.38
C GLY A 111 -9.17 -17.48 -22.33
N PRO A 112 -9.14 -17.19 -23.64
CA PRO A 112 -8.72 -15.89 -24.17
C PRO A 112 -9.88 -14.92 -24.29
N SER A 113 -9.59 -13.70 -24.74
CA SER A 113 -10.65 -12.79 -25.11
C SER A 113 -11.41 -13.35 -26.30
N PRO A 114 -12.74 -13.38 -26.20
CA PRO A 114 -13.59 -13.81 -27.31
C PRO A 114 -13.55 -12.82 -28.46
N LYS A 115 -13.10 -11.60 -28.16
CA LYS A 115 -13.13 -10.51 -29.13
C LYS A 115 -11.95 -10.55 -30.12
N ASP A 116 -10.74 -10.76 -29.62
CA ASP A 116 -9.57 -10.77 -30.49
C ASP A 116 -8.63 -11.95 -30.25
N GLY A 117 -9.06 -12.89 -29.41
CA GLY A 117 -8.28 -14.07 -29.11
C GLY A 117 -7.04 -13.77 -28.29
N GLY A 118 -6.97 -12.56 -27.74
CA GLY A 118 -5.82 -12.13 -26.97
C GLY A 118 -5.78 -12.78 -25.60
N TRP A 119 -4.60 -12.80 -25.00
CA TRP A 119 -4.41 -13.40 -23.68
C TRP A 119 -3.92 -12.36 -22.70
N ALA A 120 -4.49 -12.38 -21.49
CA ALA A 120 -4.10 -11.46 -20.44
C ALA A 120 -4.07 -12.15 -19.09
N PHE A 121 -3.03 -11.88 -18.32
CA PHE A 121 -3.05 -12.21 -16.91
C PHE A 121 -3.86 -11.12 -16.22
N CYS A 122 -3.36 -9.88 -16.32
CA CYS A 122 -4.03 -8.72 -15.76
C CYS A 122 -3.42 -7.46 -16.38
N SER A 123 -4.27 -6.64 -17.00
CA SER A 123 -3.80 -5.44 -17.68
C SER A 123 -3.70 -4.24 -16.74
N GLY A 124 -3.97 -4.46 -15.46
CA GLY A 124 -3.95 -3.39 -14.48
C GLY A 124 -5.31 -2.79 -14.20
N GLY A 125 -5.35 -1.59 -13.63
CA GLY A 125 -6.60 -0.98 -13.19
C GLY A 125 -7.16 0.03 -14.17
N ASP A 126 -7.63 1.15 -13.64
CA ASP A 126 -8.17 2.23 -14.47
C ASP A 126 -7.03 3.06 -15.07
N GLN A 127 -6.82 2.91 -16.38
CA GLN A 127 -5.70 3.57 -17.04
C GLN A 127 -5.90 5.08 -17.21
N ARG A 128 -7.03 5.58 -16.75
CA ARG A 128 -7.30 7.02 -16.78
C ARG A 128 -7.68 7.52 -15.39
N ILE A 129 -7.12 6.90 -14.36
CA ILE A 129 -7.45 7.21 -12.98
C ILE A 129 -7.10 8.65 -12.59
N ARG A 130 -6.04 9.18 -13.20
CA ARG A 130 -5.60 10.54 -12.88
C ARG A 130 -6.25 11.57 -13.80
N GLY A 131 -7.26 11.15 -14.55
CA GLY A 131 -7.99 12.04 -15.44
C GLY A 131 -7.32 12.15 -16.80
CA ARG A 153 -10.06 -3.63 0.20
C ARG A 153 -10.38 -3.32 -1.26
N LEU A 154 -10.45 -2.03 -1.58
CA LEU A 154 -10.80 -1.62 -2.94
C LEU A 154 -9.55 -1.28 -3.74
N HIS A 155 -8.40 -1.27 -3.07
CA HIS A 155 -7.15 -0.86 -3.70
C HIS A 155 -6.16 -2.02 -3.82
N ILE A 156 -5.52 -2.11 -4.98
CA ILE A 156 -4.63 -3.24 -5.28
C ILE A 156 -3.47 -3.38 -4.29
N LEU A 157 -3.05 -2.29 -3.66
CA LEU A 157 -1.98 -2.39 -2.66
C LEU A 157 -2.37 -3.34 -1.52
N GLU A 158 -3.66 -3.41 -1.21
CA GLU A 158 -4.14 -4.30 -0.17
C GLU A 158 -3.88 -5.75 -0.57
N VAL A 159 -4.12 -6.05 -1.84
CA VAL A 159 -3.92 -7.40 -2.36
C VAL A 159 -2.43 -7.75 -2.43
N GLN A 160 -1.62 -6.79 -2.86
CA GLN A 160 -0.18 -7.03 -2.96
C GLN A 160 0.42 -7.31 -1.58
N ARG A 161 -0.03 -6.56 -0.58
CA ARG A 161 0.41 -6.78 0.79
C ARG A 161 0.01 -8.18 1.27
N LEU A 162 -1.22 -8.57 0.97
CA LEU A 162 -1.74 -9.88 1.38
C LEU A 162 -0.91 -11.02 0.78
N ILE A 163 -0.63 -10.91 -0.52
CA ILE A 163 0.17 -11.93 -1.19
C ILE A 163 1.56 -12.03 -0.59
N ARG A 164 2.19 -10.87 -0.40
CA ARG A 164 3.54 -10.81 0.15
C ARG A 164 3.64 -11.48 1.51
N PHE A 165 2.66 -11.25 2.36
CA PHE A 165 2.79 -11.65 3.76
C PHE A 165 2.07 -12.94 4.16
N MET A 166 1.15 -13.42 3.34
CA MET A 166 0.46 -14.66 3.68
C MET A 166 1.50 -15.79 3.76
N PRO A 167 1.36 -16.65 4.77
CA PRO A 167 2.34 -17.71 5.05
C PRO A 167 2.18 -18.91 4.12
N LYS A 168 1.85 -18.66 2.87
CA LYS A 168 1.75 -19.72 1.87
C LYS A 168 2.36 -19.25 0.56
N VAL A 169 2.87 -20.19 -0.23
CA VAL A 169 3.52 -19.84 -1.49
C VAL A 169 2.52 -19.50 -2.57
N VAL A 170 2.71 -18.35 -3.21
CA VAL A 170 1.84 -17.91 -4.29
C VAL A 170 2.63 -17.91 -5.59
N ILE A 171 2.18 -18.70 -6.55
CA ILE A 171 2.83 -18.77 -7.85
C ILE A 171 1.97 -18.02 -8.87
N CYS A 172 2.54 -17.00 -9.49
CA CYS A 172 1.83 -16.30 -10.54
C CYS A 172 2.03 -17.03 -11.86
N LEU A 173 0.95 -17.38 -12.52
CA LEU A 173 1.01 -17.98 -13.84
C LEU A 173 0.66 -16.91 -14.86
N VAL A 174 1.68 -16.29 -15.45
CA VAL A 174 1.46 -15.20 -16.39
C VAL A 174 1.15 -15.77 -17.77
N ASN A 175 -0.15 -15.81 -18.09
CA ASN A 175 -0.66 -16.43 -19.31
C ASN A 175 -0.78 -15.44 -20.46
N GLY A 176 -0.46 -14.19 -20.19
CA GLY A 176 -0.61 -13.15 -21.21
C GLY A 176 -0.08 -11.82 -20.71
N TRP A 177 -0.73 -10.74 -21.11
CA TRP A 177 -0.33 -9.41 -20.66
C TRP A 177 -0.33 -9.30 -19.14
N ALA A 178 0.76 -8.79 -18.61
CA ALA A 178 0.85 -8.41 -17.20
C ALA A 178 1.36 -6.97 -17.19
N ALA A 179 0.44 -6.02 -17.09
CA ALA A 179 0.78 -4.61 -17.23
C ALA A 179 0.21 -3.78 -16.09
N GLY A 180 0.85 -2.65 -15.82
CA GLY A 180 0.42 -1.77 -14.76
C GLY A 180 0.34 -2.52 -13.45
N GLY A 181 -0.79 -2.41 -12.77
CA GLY A 181 -1.01 -3.11 -11.51
C GLY A 181 -0.89 -4.62 -11.66
N GLY A 182 -1.17 -5.12 -12.86
CA GLY A 182 -1.01 -6.52 -13.15
C GLY A 182 0.45 -6.94 -13.14
N HIS A 183 1.32 -6.04 -13.59
CA HIS A 183 2.75 -6.32 -13.55
C HIS A 183 3.25 -6.41 -12.10
N SER A 184 2.89 -5.43 -11.28
CA SER A 184 3.33 -5.43 -9.89
CA SER A 184 3.28 -5.40 -9.87
C SER A 184 2.75 -6.62 -9.12
N LEU A 185 1.56 -7.08 -9.51
CA LEU A 185 0.97 -8.26 -8.90
CA LEU A 185 0.97 -8.26 -8.92
C LEU A 185 1.86 -9.49 -9.13
N HIS A 186 2.33 -9.67 -10.36
CA HIS A 186 3.25 -10.76 -10.67
C HIS A 186 4.54 -10.63 -9.86
N VAL A 187 5.06 -9.41 -9.77
CA VAL A 187 6.32 -9.17 -9.09
C VAL A 187 6.28 -9.63 -7.62
N VAL A 188 5.17 -9.34 -6.94
CA VAL A 188 5.06 -9.63 -5.51
CA VAL A 188 5.04 -9.62 -5.51
C VAL A 188 4.81 -11.11 -5.21
N CYS A 189 4.39 -11.89 -6.20
CA CYS A 189 4.22 -13.33 -5.99
C CYS A 189 5.56 -14.01 -5.72
N ASP A 190 5.53 -15.07 -4.92
CA ASP A 190 6.77 -15.77 -4.56
C ASP A 190 7.52 -16.28 -5.78
N LEU A 191 6.78 -16.84 -6.74
CA LEU A 191 7.33 -17.42 -7.94
C LEU A 191 6.49 -17.00 -9.13
N THR A 192 7.09 -16.94 -10.30
CA THR A 192 6.35 -16.67 -11.54
C THR A 192 6.73 -17.66 -12.64
N LEU A 193 5.70 -18.28 -13.22
CA LEU A 193 5.88 -19.09 -14.43
C LEU A 193 5.17 -18.36 -15.55
N ALA A 194 5.76 -18.32 -16.74
CA ALA A 194 5.20 -17.51 -17.83
C ALA A 194 5.06 -18.23 -19.16
N SER A 195 3.96 -17.92 -19.85
CA SER A 195 3.68 -18.43 -21.19
C SER A 195 4.71 -17.95 -22.20
N ARG A 196 5.44 -18.88 -22.79
CA ARG A 196 6.46 -18.53 -23.79
C ARG A 196 5.86 -17.69 -24.90
N GLU A 197 4.72 -18.13 -25.43
CA GLU A 197 4.10 -17.49 -26.57
C GLU A 197 3.47 -16.13 -26.25
N TYR A 198 2.77 -16.04 -25.12
CA TYR A 198 1.85 -14.92 -24.91
C TYR A 198 2.10 -14.02 -23.70
N ALA A 199 2.96 -14.43 -22.77
CA ALA A 199 3.26 -13.55 -21.64
C ALA A 199 3.87 -12.26 -22.16
N ARG A 200 3.43 -11.13 -21.62
CA ARG A 200 4.05 -9.85 -21.93
C ARG A 200 4.10 -9.06 -20.64
N PHE A 201 5.27 -8.50 -20.33
CA PHE A 201 5.46 -7.78 -19.08
C PHE A 201 5.72 -6.31 -19.34
N LYS A 202 4.95 -5.45 -18.68
CA LYS A 202 5.09 -4.01 -18.89
C LYS A 202 4.78 -3.25 -17.62
N GLN A 203 5.79 -2.57 -17.08
CA GLN A 203 5.59 -1.75 -15.88
C GLN A 203 5.14 -0.35 -16.30
N THR A 204 3.91 0.00 -15.96
CA THR A 204 3.36 1.32 -16.26
C THR A 204 2.57 1.81 -15.07
N ASP A 205 2.37 3.12 -14.97
CA ASP A 205 1.66 3.68 -13.82
C ASP A 205 0.40 4.47 -14.18
N ALA A 206 -0.16 4.20 -15.37
CA ALA A 206 -1.36 4.92 -15.79
C ALA A 206 -2.55 4.61 -14.87
N ASP A 207 -2.49 3.49 -14.16
CA ASP A 207 -3.57 3.09 -13.26
C ASP A 207 -3.27 3.44 -11.80
N VAL A 208 -2.25 4.28 -11.59
CA VAL A 208 -1.84 4.71 -10.27
C VAL A 208 -2.41 6.11 -10.00
N GLY A 209 -3.10 6.26 -8.86
CA GLY A 209 -3.73 7.52 -8.53
C GLY A 209 -2.75 8.61 -8.13
N SER A 210 -1.62 8.20 -7.56
CA SER A 210 -0.61 9.17 -7.12
C SER A 210 0.33 9.54 -8.26
N PHE A 211 1.18 10.55 -8.02
CA PHE A 211 2.11 11.02 -9.03
C PHE A 211 3.52 10.49 -8.81
N ASP A 212 3.68 9.58 -7.85
CA ASP A 212 4.99 9.24 -7.35
C ASP A 212 5.52 7.87 -7.79
N GLY A 213 4.92 7.32 -8.85
CA GLY A 213 5.43 6.12 -9.48
C GLY A 213 4.64 4.86 -9.22
N GLY A 214 4.87 3.84 -10.04
CA GLY A 214 4.27 2.54 -9.84
C GLY A 214 4.74 1.89 -8.55
N TYR A 215 4.15 0.75 -8.22
CA TYR A 215 4.41 0.09 -6.95
C TYR A 215 5.43 -1.05 -7.09
N GLY A 216 6.06 -1.42 -5.98
CA GLY A 216 6.88 -2.62 -5.93
C GLY A 216 8.27 -2.53 -6.53
N SER A 217 8.79 -1.31 -6.67
CA SER A 217 10.13 -1.12 -7.24
C SER A 217 11.22 -1.86 -6.46
N ALA A 218 11.13 -1.82 -5.13
CA ALA A 218 12.12 -2.49 -4.30
C ALA A 218 12.09 -4.00 -4.47
N TYR A 219 10.90 -4.58 -4.54
CA TYR A 219 10.75 -6.01 -4.76
C TYR A 219 11.43 -6.42 -6.07
N LEU A 220 11.13 -5.68 -7.14
CA LEU A 220 11.70 -6.00 -8.46
C LEU A 220 13.22 -5.89 -8.45
N ALA A 221 13.74 -4.85 -7.79
CA ALA A 221 15.18 -4.65 -7.74
C ALA A 221 15.88 -5.80 -7.03
N ARG A 222 15.17 -6.44 -6.10
CA ARG A 222 15.75 -7.56 -5.35
C ARG A 222 15.60 -8.89 -6.11
N GLN A 223 15.05 -8.81 -7.32
CA GLN A 223 14.94 -9.97 -8.21
C GLN A 223 15.88 -9.85 -9.41
N VAL A 224 15.87 -8.70 -10.08
CA VAL A 224 16.63 -8.52 -11.31
C VAL A 224 17.83 -7.58 -11.17
N GLY A 225 18.01 -7.01 -9.98
CA GLY A 225 19.09 -6.07 -9.74
C GLY A 225 18.68 -4.64 -10.04
N GLN A 226 19.45 -3.69 -9.52
CA GLN A 226 19.11 -2.28 -9.64
C GLN A 226 19.09 -1.76 -11.08
N LYS A 227 20.02 -2.18 -11.91
CA LYS A 227 20.07 -1.67 -13.29
C LYS A 227 18.81 -2.07 -14.07
N PHE A 228 18.52 -3.36 -14.11
CA PHE A 228 17.34 -3.83 -14.84
C PHE A 228 16.03 -3.28 -14.24
N ALA A 229 15.95 -3.20 -12.92
CA ALA A 229 14.72 -2.72 -12.29
C ALA A 229 14.46 -1.25 -12.66
N ARG A 230 15.53 -0.46 -12.67
CA ARG A 230 15.41 0.96 -13.05
C ARG A 230 15.00 1.09 -14.51
N GLU A 231 15.54 0.22 -15.36
CA GLU A 231 15.15 0.21 -16.77
C GLU A 231 13.66 -0.11 -16.94
N ILE A 232 13.22 -1.15 -16.26
CA ILE A 232 11.84 -1.61 -16.36
C ILE A 232 10.86 -0.52 -15.92
N PHE A 233 11.18 0.15 -14.82
CA PHE A 233 10.32 1.24 -14.33
C PHE A 233 10.45 2.55 -15.11
N PHE A 234 11.68 2.98 -15.39
CA PHE A 234 11.88 4.28 -16.03
C PHE A 234 11.41 4.33 -17.48
N LEU A 235 11.60 3.23 -18.22
CA LEU A 235 11.21 3.22 -19.64
C LEU A 235 9.83 2.61 -19.89
N GLY A 236 9.41 1.68 -19.05
CA GLY A 236 8.11 1.04 -19.21
C GLY A 236 7.96 0.29 -20.52
N ARG A 237 9.04 -0.35 -20.96
CA ARG A 237 9.00 -1.19 -22.17
C ARG A 237 8.26 -2.50 -21.91
N THR A 238 7.91 -3.17 -23.00
CA THR A 238 7.28 -4.48 -22.93
C THR A 238 8.32 -5.58 -23.11
N TYR A 239 8.26 -6.59 -22.25
CA TYR A 239 9.22 -7.70 -22.27
C TYR A 239 8.53 -9.04 -22.44
N THR A 240 9.25 -9.99 -23.04
CA THR A 240 8.74 -11.34 -23.19
C THR A 240 9.03 -12.17 -21.94
N ALA A 241 8.43 -13.36 -21.87
CA ALA A 241 8.73 -14.30 -20.81
C ALA A 241 10.22 -14.63 -20.75
N GLU A 242 10.82 -14.89 -21.91
CA GLU A 242 12.23 -15.26 -21.95
C GLU A 242 13.11 -14.12 -21.46
N GLN A 243 12.79 -12.90 -21.86
CA GLN A 243 13.57 -11.73 -21.45
C GLN A 243 13.51 -11.56 -19.93
N MET A 244 12.31 -11.69 -19.37
CA MET A 244 12.14 -11.55 -17.94
C MET A 244 12.79 -12.68 -17.16
N HIS A 245 12.83 -13.86 -17.76
CA HIS A 245 13.50 -15.01 -17.17
C HIS A 245 15.01 -14.77 -17.10
N GLN A 246 15.56 -14.24 -18.19
CA GLN A 246 16.98 -13.91 -18.21
C GLN A 246 17.35 -12.86 -17.17
N MET A 247 16.47 -11.90 -16.94
CA MET A 247 16.75 -10.83 -15.98
C MET A 247 16.57 -11.28 -14.54
N GLY A 248 15.71 -12.28 -14.34
CA GLY A 248 15.54 -12.89 -13.03
C GLY A 248 14.19 -12.68 -12.36
N ALA A 249 13.21 -12.17 -13.10
CA ALA A 249 11.88 -11.94 -12.53
C ALA A 249 10.91 -13.08 -12.83
N VAL A 250 11.28 -13.95 -13.76
CA VAL A 250 10.46 -15.10 -14.12
C VAL A 250 11.24 -16.38 -13.87
N ASN A 251 10.68 -17.27 -13.07
CA ASN A 251 11.37 -18.50 -12.69
C ASN A 251 11.58 -19.45 -13.85
N ALA A 252 10.53 -19.62 -14.64
CA ALA A 252 10.60 -20.54 -15.77
C ALA A 252 9.60 -20.16 -16.84
N VAL A 253 9.95 -20.49 -18.08
CA VAL A 253 9.07 -20.25 -19.21
C VAL A 253 8.43 -21.58 -19.59
N ALA A 254 7.13 -21.59 -19.81
CA ALA A 254 6.41 -22.80 -20.17
C ALA A 254 5.63 -22.62 -21.46
N GLU A 255 5.43 -23.71 -22.19
CA GLU A 255 4.53 -23.67 -23.34
C GLU A 255 3.16 -23.26 -22.85
N HIS A 256 2.49 -22.39 -23.61
CA HIS A 256 1.23 -21.81 -23.18
C HIS A 256 0.22 -22.86 -22.69
N ALA A 257 -0.02 -23.89 -23.51
CA ALA A 257 -1.01 -24.90 -23.18
C ALA A 257 -0.65 -25.70 -21.93
N GLU A 258 0.63 -25.64 -21.55
CA GLU A 258 1.14 -26.43 -20.43
C GLU A 258 1.32 -25.60 -19.17
N LEU A 259 0.98 -24.31 -19.24
CA LEU A 259 1.29 -23.40 -18.14
C LEU A 259 0.72 -23.83 -16.80
N GLU A 260 -0.54 -24.27 -16.78
CA GLU A 260 -1.15 -24.66 -15.52
C GLU A 260 -0.73 -26.07 -15.10
N THR A 261 -0.45 -26.92 -16.08
CA THR A 261 0.11 -28.24 -15.80
C THR A 261 1.44 -28.10 -15.06
N VAL A 262 2.30 -27.21 -15.57
CA VAL A 262 3.58 -26.95 -14.93
C VAL A 262 3.35 -26.31 -13.56
N GLY A 263 2.43 -25.36 -13.49
CA GLY A 263 2.10 -24.73 -12.24
C GLY A 263 1.70 -25.75 -11.19
N LEU A 264 0.86 -26.70 -11.57
CA LEU A 264 0.42 -27.77 -10.66
C LEU A 264 1.58 -28.64 -10.20
N GLN A 265 2.53 -28.90 -11.10
CA GLN A 265 3.72 -29.68 -10.75
C GLN A 265 4.59 -28.95 -9.74
N TRP A 266 4.83 -27.66 -9.97
CA TRP A 266 5.60 -26.87 -9.03
C TRP A 266 4.90 -26.85 -7.67
N ALA A 267 3.59 -26.68 -7.68
CA ALA A 267 2.83 -26.65 -6.43
C ALA A 267 2.96 -27.98 -5.68
N ALA A 268 2.91 -29.09 -6.41
CA ALA A 268 3.03 -30.40 -5.79
C ALA A 268 4.40 -30.58 -5.13
N GLU A 269 5.44 -30.08 -5.77
CA GLU A 269 6.78 -30.22 -5.20
C GLU A 269 6.89 -29.40 -3.92
N ILE A 270 6.28 -28.23 -3.93
CA ILE A 270 6.21 -27.38 -2.74
C ILE A 270 5.42 -28.04 -1.62
N ASN A 271 4.25 -28.59 -1.97
CA ASN A 271 3.38 -29.24 -0.99
C ASN A 271 3.95 -30.54 -0.42
N ALA A 272 4.88 -31.16 -1.15
CA ALA A 272 5.47 -32.42 -0.70
C ALA A 272 6.45 -32.22 0.45
N LYS A 273 6.90 -30.99 0.63
CA LYS A 273 7.83 -30.66 1.70
C LYS A 273 7.11 -30.30 2.99
N SER A 274 7.84 -30.23 4.09
CA SER A 274 7.28 -29.82 5.37
C SER A 274 6.67 -28.43 5.27
N PRO A 275 5.36 -28.31 5.57
CA PRO A 275 4.73 -26.98 5.50
C PRO A 275 5.37 -25.98 6.47
N GLN A 276 5.84 -26.46 7.62
CA GLN A 276 6.44 -25.56 8.61
C GLN A 276 7.70 -24.90 8.04
N ALA A 277 8.55 -25.70 7.42
CA ALA A 277 9.76 -25.16 6.81
C ALA A 277 9.42 -24.14 5.73
N GLN A 278 8.39 -24.42 4.93
CA GLN A 278 8.03 -23.53 3.84
C GLN A 278 7.56 -22.16 4.35
N ARG A 279 6.71 -22.16 5.38
CA ARG A 279 6.20 -20.89 5.89
C ARG A 279 7.28 -20.10 6.63
N MET A 280 8.15 -20.80 7.36
CA MET A 280 9.26 -20.14 8.04
C MET A 280 10.26 -19.56 7.04
N LEU A 281 10.47 -20.25 5.93
CA LEU A 281 11.35 -19.74 4.89
C LEU A 281 10.77 -18.49 4.22
N LYS A 282 9.47 -18.51 3.94
CA LYS A 282 8.88 -17.34 3.31
C LYS A 282 9.05 -16.13 4.22
N PHE A 283 8.85 -16.33 5.52
CA PHE A 283 9.05 -15.26 6.49
C PHE A 283 10.48 -14.75 6.43
N ALA A 284 11.45 -15.66 6.42
CA ALA A 284 12.86 -15.27 6.36
C ALA A 284 13.19 -14.51 5.07
N PHE A 285 12.68 -15.00 3.94
CA PHE A 285 12.90 -14.33 2.67
C PHE A 285 12.34 -12.91 2.68
N ASN A 286 11.15 -12.75 3.28
CA ASN A 286 10.52 -11.44 3.35
C ASN A 286 11.30 -10.50 4.26
N LEU A 287 11.96 -11.09 5.26
CA LEU A 287 12.67 -10.31 6.27
C LEU A 287 14.04 -9.89 5.77
N LEU A 288 14.54 -10.59 4.75
CA LEU A 288 15.89 -10.39 4.23
C LEU A 288 16.94 -10.84 5.25
N ASP A 289 16.56 -11.80 6.08
CA ASP A 289 17.39 -12.25 7.19
C ASP A 289 17.00 -13.68 7.55
N ASP A 290 17.96 -14.59 7.56
CA ASP A 290 17.62 -15.99 7.79
C ASP A 290 17.43 -16.31 9.28
N GLY A 291 17.65 -15.30 10.13
CA GLY A 291 17.40 -15.44 11.55
C GLY A 291 18.43 -16.28 12.28
N LEU A 292 19.56 -16.52 11.62
CA LEU A 292 20.60 -17.39 12.14
C LEU A 292 21.89 -16.61 12.42
N VAL A 293 22.82 -16.65 11.48
N ASP B 37 -7.03 28.51 24.23
CA ASP B 37 -6.35 27.24 24.47
C ASP B 37 -6.21 26.44 23.18
N ASN B 38 -6.84 26.91 22.11
CA ASN B 38 -6.75 26.24 20.82
C ASN B 38 -5.40 26.52 20.16
N PRO B 39 -4.74 25.47 19.67
CA PRO B 39 -3.43 25.62 19.04
C PRO B 39 -3.47 26.53 17.80
N PHE B 40 -4.62 26.62 17.15
CA PHE B 40 -4.71 27.32 15.87
C PHE B 40 -4.85 28.84 16.03
N ASP B 41 -3.89 29.57 15.46
CA ASP B 41 -3.92 31.03 15.47
C ASP B 41 -4.43 31.55 14.13
N ALA B 42 -5.72 31.88 14.08
CA ALA B 42 -6.35 32.28 12.82
C ALA B 42 -5.62 33.43 12.13
N LYS B 43 -5.07 34.35 12.92
CA LYS B 43 -4.43 35.54 12.37
C LYS B 43 -3.14 35.23 11.62
N ALA B 44 -2.58 34.05 11.86
CA ALA B 44 -1.28 33.71 11.29
C ALA B 44 -1.39 33.02 9.94
N TRP B 45 -2.61 32.62 9.57
CA TRP B 45 -2.80 31.77 8.39
C TRP B 45 -3.76 32.36 7.36
N ARG B 46 -3.50 32.06 6.09
CA ARG B 46 -4.39 32.45 5.00
C ARG B 46 -4.72 31.22 4.16
N LEU B 47 -5.96 31.14 3.70
CA LEU B 47 -6.35 30.01 2.85
C LEU B 47 -5.54 30.02 1.57
N VAL B 48 -5.26 28.84 1.03
CA VAL B 48 -4.52 28.71 -0.22
C VAL B 48 -5.48 28.80 -1.40
N ASP B 49 -5.18 29.68 -2.34
CA ASP B 49 -6.03 29.87 -3.52
C ASP B 49 -6.30 28.56 -4.24
N GLY B 50 -7.57 28.35 -4.61
CA GLY B 50 -7.95 27.21 -5.42
C GLY B 50 -8.41 25.99 -4.64
N PHE B 51 -8.49 26.10 -3.32
CA PHE B 51 -8.91 24.96 -2.51
C PHE B 51 -10.21 25.21 -1.74
N ASP B 52 -11.04 26.10 -2.25
CA ASP B 52 -12.31 26.42 -1.61
C ASP B 52 -13.28 25.23 -1.63
N ASP B 53 -12.97 24.23 -2.44
CA ASP B 53 -13.84 23.06 -2.57
C ASP B 53 -13.53 21.94 -1.58
N LEU B 54 -12.53 22.15 -0.73
CA LEU B 54 -12.16 21.14 0.27
C LEU B 54 -13.24 20.96 1.33
N THR B 55 -13.51 19.71 1.70
CA THR B 55 -14.54 19.43 2.71
C THR B 55 -14.01 18.67 3.93
N ASP B 56 -12.91 17.95 3.77
CA ASP B 56 -12.41 17.07 4.83
C ASP B 56 -11.05 17.51 5.37
N ILE B 57 -10.42 18.46 4.69
CA ILE B 57 -9.07 18.91 5.00
C ILE B 57 -9.05 20.43 4.94
N THR B 58 -8.22 21.05 5.77
CA THR B 58 -7.94 22.48 5.61
C THR B 58 -6.49 22.71 5.16
N TYR B 59 -6.27 23.79 4.42
CA TYR B 59 -4.98 24.06 3.80
C TYR B 59 -4.71 25.55 3.87
N HIS B 60 -3.75 25.94 4.70
CA HIS B 60 -3.38 27.35 4.86
C HIS B 60 -1.92 27.58 4.53
N ARG B 61 -1.62 28.79 4.08
CA ARG B 61 -0.25 29.24 3.94
C ARG B 61 0.00 30.32 5.00
N HIS B 62 1.13 30.26 5.69
CA HIS B 62 1.43 31.25 6.71
C HIS B 62 1.53 32.66 6.12
N VAL B 63 1.10 33.66 6.89
CA VAL B 63 1.07 35.03 6.39
C VAL B 63 2.44 35.56 5.96
N ASP B 64 3.50 35.06 6.60
CA ASP B 64 4.84 35.55 6.31
C ASP B 64 5.83 34.43 5.94
N ASP B 65 5.69 33.29 6.59
CA ASP B 65 6.68 32.21 6.49
C ASP B 65 6.47 31.27 5.30
N ALA B 66 7.56 30.61 4.90
CA ALA B 66 7.53 29.59 3.86
C ALA B 66 7.03 28.28 4.44
N THR B 67 5.86 28.33 5.07
CA THR B 67 5.32 27.18 5.79
C THR B 67 3.83 27.07 5.52
N VAL B 68 3.35 25.84 5.32
CA VAL B 68 1.92 25.61 5.15
C VAL B 68 1.37 24.75 6.29
N ARG B 69 0.06 24.85 6.49
CA ARG B 69 -0.63 24.07 7.50
C ARG B 69 -1.67 23.20 6.81
N VAL B 70 -1.49 21.88 6.93
CA VAL B 70 -2.41 20.91 6.36
C VAL B 70 -3.05 20.16 7.50
N ALA B 71 -4.38 20.19 7.58
CA ALA B 71 -5.06 19.58 8.74
C ALA B 71 -6.31 18.78 8.40
N PHE B 72 -6.47 17.66 9.09
CA PHE B 72 -7.72 16.92 9.06
C PHE B 72 -8.81 17.83 9.56
N ASN B 73 -9.92 17.85 8.82
CA ASN B 73 -11.04 18.71 9.18
C ASN B 73 -12.35 17.95 9.33
N ARG B 74 -12.28 16.83 10.06
CA ARG B 74 -13.47 16.08 10.45
C ARG B 74 -13.47 15.87 11.97
N PRO B 75 -13.39 16.97 12.74
CA PRO B 75 -13.26 16.82 14.19
C PRO B 75 -14.49 16.14 14.79
N GLU B 76 -15.63 16.22 14.10
CA GLU B 76 -16.87 15.63 14.58
C GLU B 76 -16.81 14.10 14.60
N VAL B 77 -15.87 13.52 13.87
CA VAL B 77 -15.64 12.08 13.89
C VAL B 77 -14.18 11.76 14.20
N ARG B 78 -13.62 12.48 15.16
CA ARG B 78 -12.27 12.22 15.65
C ARG B 78 -11.23 12.24 14.55
N ASN B 79 -11.49 13.06 13.52
CA ASN B 79 -10.57 13.19 12.40
C ASN B 79 -10.18 11.86 11.77
N ALA B 80 -11.14 10.94 11.71
CA ALA B 80 -10.97 9.72 10.94
C ALA B 80 -11.04 10.08 9.46
N PHE B 81 -10.28 9.36 8.62
CA PHE B 81 -10.34 9.60 7.19
C PHE B 81 -11.22 8.60 6.44
N ARG B 82 -12.10 9.13 5.59
CA ARG B 82 -12.82 8.31 4.62
C ARG B 82 -12.04 8.40 3.32
N PRO B 83 -12.41 7.58 2.33
CA PRO B 83 -11.68 7.62 1.06
C PRO B 83 -11.56 9.02 0.48
N HIS B 84 -12.63 9.81 0.58
CA HIS B 84 -12.60 11.18 0.09
C HIS B 84 -11.53 12.02 0.81
N THR B 85 -11.35 11.77 2.11
CA THR B 85 -10.37 12.49 2.90
C THR B 85 -8.96 12.22 2.40
N VAL B 86 -8.70 10.96 2.06
CA VAL B 86 -7.39 10.55 1.58
C VAL B 86 -7.09 11.25 0.26
N ASP B 87 -8.09 11.30 -0.62
CA ASP B 87 -7.91 11.96 -1.92
C ASP B 87 -7.61 13.44 -1.76
N GLU B 88 -8.35 14.12 -0.88
CA GLU B 88 -8.10 15.55 -0.61
C GLU B 88 -6.73 15.76 0.00
N LEU B 89 -6.36 14.90 0.94
CA LEU B 89 -5.08 15.01 1.62
C LEU B 89 -3.93 14.83 0.63
N TYR B 90 -4.04 13.86 -0.26
CA TYR B 90 -3.01 13.69 -1.28
C TYR B 90 -2.92 14.93 -2.16
N ARG B 91 -4.06 15.40 -2.64
CA ARG B 91 -4.11 16.58 -3.50
C ARG B 91 -3.39 17.77 -2.86
N VAL B 92 -3.71 18.02 -1.59
CA VAL B 92 -3.11 19.14 -0.87
C VAL B 92 -1.61 18.95 -0.64
N LEU B 93 -1.21 17.76 -0.21
CA LEU B 93 0.21 17.49 0.01
C LEU B 93 1.01 17.61 -1.28
N ASP B 94 0.42 17.14 -2.39
CA ASP B 94 1.08 17.24 -3.68
C ASP B 94 1.29 18.69 -4.07
N HIS B 95 0.29 19.53 -3.79
CA HIS B 95 0.36 20.95 -4.13
C HIS B 95 1.46 21.62 -3.31
N ALA B 96 1.51 21.30 -2.02
CA ALA B 96 2.59 21.80 -1.16
C ALA B 96 3.95 21.36 -1.67
N ARG B 97 4.05 20.09 -2.07
CA ARG B 97 5.29 19.54 -2.59
C ARG B 97 5.75 20.29 -3.85
N MET B 98 4.78 20.81 -4.60
CA MET B 98 5.04 21.51 -5.84
CA MET B 98 5.06 21.51 -5.84
C MET B 98 5.30 22.99 -5.64
N SER B 99 5.16 23.47 -4.40
CA SER B 99 5.30 24.89 -4.12
C SER B 99 6.74 25.32 -3.85
N PRO B 100 7.36 26.00 -4.84
CA PRO B 100 8.78 26.38 -4.77
C PRO B 100 9.11 27.27 -3.57
N ASP B 101 8.13 28.03 -3.10
CA ASP B 101 8.37 28.99 -2.02
C ASP B 101 7.97 28.44 -0.65
N VAL B 102 7.64 27.15 -0.59
CA VAL B 102 7.32 26.50 0.68
C VAL B 102 8.40 25.51 1.06
N GLY B 103 8.88 25.60 2.30
CA GLY B 103 9.93 24.70 2.76
C GLY B 103 9.47 23.65 3.75
N VAL B 104 8.39 23.96 4.48
CA VAL B 104 7.96 23.10 5.56
C VAL B 104 6.44 22.92 5.55
N VAL B 105 6.02 21.68 5.82
CA VAL B 105 4.62 21.35 5.94
C VAL B 105 4.33 20.97 7.39
N LEU B 106 3.40 21.68 8.01
CA LEU B 106 2.89 21.30 9.32
C LEU B 106 1.63 20.49 9.12
N LEU B 107 1.67 19.22 9.50
CA LEU B 107 0.53 18.32 9.35
C LEU B 107 -0.13 18.08 10.71
N THR B 108 -1.42 18.41 10.82
CA THR B 108 -2.08 18.34 12.11
C THR B 108 -3.57 18.01 11.96
N GLY B 109 -4.33 18.16 13.03
CA GLY B 109 -5.77 17.94 12.96
C GLY B 109 -6.49 19.07 13.66
N ASN B 110 -7.62 19.48 13.10
CA ASN B 110 -8.41 20.54 13.71
C ASN B 110 -9.28 20.01 14.83
N GLY B 111 -9.58 20.86 15.81
CA GLY B 111 -10.39 20.46 16.95
C GLY B 111 -10.77 21.65 17.82
N PRO B 112 -11.39 21.38 18.97
CA PRO B 112 -11.79 20.04 19.41
C PRO B 112 -13.06 19.57 18.70
N SER B 113 -13.51 18.36 19.06
CA SER B 113 -14.71 17.78 18.47
C SER B 113 -15.98 18.51 18.89
N PRO B 114 -16.81 18.91 17.91
CA PRO B 114 -18.10 19.53 18.23
C PRO B 114 -19.08 18.49 18.77
N LYS B 115 -18.69 17.22 18.73
CA LYS B 115 -19.54 16.14 19.20
C LYS B 115 -19.31 15.85 20.68
N ASP B 116 -18.06 15.70 21.09
CA ASP B 116 -17.76 15.31 22.47
C ASP B 116 -16.61 16.08 23.11
N GLY B 117 -16.13 17.12 22.44
CA GLY B 117 -15.08 17.96 22.99
C GLY B 117 -13.70 17.33 23.04
N GLY B 118 -13.55 16.15 22.46
CA GLY B 118 -12.26 15.47 22.44
C GLY B 118 -11.30 16.08 21.44
N TRP B 119 -10.02 15.79 21.62
CA TRP B 119 -8.98 16.26 20.72
C TRP B 119 -8.41 15.11 19.90
N ALA B 120 -8.33 15.30 18.59
CA ALA B 120 -7.77 14.28 17.71
C ALA B 120 -6.87 14.86 16.63
N PHE B 121 -5.71 14.24 16.45
CA PHE B 121 -4.92 14.48 15.24
C PHE B 121 -5.60 13.69 14.11
N CYS B 122 -5.65 12.38 14.27
CA CYS B 122 -6.27 11.50 13.30
C CYS B 122 -6.49 10.13 13.95
N SER B 123 -7.73 9.65 13.93
CA SER B 123 -8.05 8.38 14.58
CA SER B 123 -8.07 8.38 14.58
C SER B 123 -7.99 7.21 13.61
N GLY B 124 -7.47 7.45 12.42
CA GLY B 124 -7.35 6.40 11.43
C GLY B 124 -8.53 6.32 10.46
N GLY B 125 -8.66 5.17 9.81
CA GLY B 125 -9.70 4.97 8.83
C GLY B 125 -11.10 5.02 9.40
N ASP B 126 -12.00 5.64 8.65
CA ASP B 126 -13.40 5.79 9.04
C ASP B 126 -14.18 4.50 8.80
N GLN B 127 -14.53 3.81 9.87
N GLY B 152 -12.22 7.57 -3.81
CA GLY B 152 -11.21 6.72 -3.22
C GLY B 152 -10.17 6.26 -4.24
N ARG B 153 -9.61 7.20 -4.98
CA ARG B 153 -8.63 6.86 -6.01
C ARG B 153 -7.23 6.68 -5.43
N LEU B 154 -6.98 7.29 -4.28
CA LEU B 154 -5.68 7.20 -3.62
C LEU B 154 -5.73 6.24 -2.43
N HIS B 155 -4.61 5.59 -2.15
CA HIS B 155 -4.50 4.80 -0.93
C HIS B 155 -3.72 5.60 0.10
N ILE B 156 -4.04 5.39 1.38
CA ILE B 156 -3.34 6.11 2.44
C ILE B 156 -1.83 5.84 2.38
N LEU B 157 -1.43 4.67 1.91
CA LEU B 157 -0.01 4.36 1.76
C LEU B 157 0.67 5.30 0.75
N GLU B 158 -0.07 5.74 -0.26
CA GLU B 158 0.47 6.68 -1.24
C GLU B 158 0.67 8.05 -0.59
N VAL B 159 -0.21 8.40 0.34
CA VAL B 159 -0.02 9.60 1.12
C VAL B 159 1.25 9.48 1.99
N GLN B 160 1.43 8.33 2.63
CA GLN B 160 2.63 8.09 3.42
C GLN B 160 3.90 8.15 2.56
N ARG B 161 3.84 7.56 1.36
CA ARG B 161 4.98 7.61 0.45
C ARG B 161 5.33 9.04 0.08
N LEU B 162 4.32 9.85 -0.23
CA LEU B 162 4.56 11.25 -0.58
C LEU B 162 5.17 12.01 0.60
N ILE B 163 4.63 11.78 1.79
CA ILE B 163 5.16 12.44 2.99
C ILE B 163 6.64 12.10 3.19
N ARG B 164 6.98 10.82 3.01
CA ARG B 164 8.34 10.37 3.23
C ARG B 164 9.34 10.84 2.17
N PHE B 165 8.89 10.92 0.92
CA PHE B 165 9.80 11.19 -0.19
C PHE B 165 9.90 12.66 -0.62
N MET B 166 8.90 13.47 -0.28
CA MET B 166 8.89 14.85 -0.74
C MET B 166 10.08 15.64 -0.18
N PRO B 167 10.66 16.52 -1.01
CA PRO B 167 11.81 17.37 -0.69
C PRO B 167 11.47 18.52 0.25
N LYS B 168 10.35 18.39 0.96
CA LYS B 168 9.99 19.37 1.98
C LYS B 168 10.11 18.66 3.33
N VAL B 169 10.27 19.43 4.41
CA VAL B 169 10.22 18.81 5.72
C VAL B 169 8.76 18.78 6.20
N VAL B 170 8.30 17.60 6.60
CA VAL B 170 6.95 17.47 7.14
C VAL B 170 7.01 17.26 8.64
N ILE B 171 6.45 18.19 9.39
CA ILE B 171 6.40 18.09 10.84
C ILE B 171 4.98 17.75 11.26
N CYS B 172 4.82 16.61 11.89
CA CYS B 172 3.52 16.25 12.41
C CYS B 172 3.30 16.94 13.74
N LEU B 173 2.20 17.67 13.85
CA LEU B 173 1.82 18.28 15.13
C LEU B 173 0.69 17.46 15.72
N VAL B 174 1.02 16.54 16.63
CA VAL B 174 0.01 15.67 17.22
C VAL B 174 -0.72 16.39 18.34
N ASN B 175 -1.91 16.86 18.03
CA ASN B 175 -2.71 17.73 18.90
C ASN B 175 -3.73 16.94 19.70
N GLY B 176 -3.71 15.63 19.55
CA GLY B 176 -4.68 14.78 20.22
C GLY B 176 -4.44 13.33 19.87
N TRP B 177 -5.52 12.56 19.84
CA TRP B 177 -5.43 11.15 19.49
C TRP B 177 -4.76 10.93 18.15
N ALA B 178 -3.77 10.04 18.14
CA ALA B 178 -3.16 9.56 16.91
C ALA B 178 -3.24 8.05 16.97
N ALA B 179 -4.26 7.49 16.32
CA ALA B 179 -4.55 6.07 16.47
C ALA B 179 -4.72 5.37 15.13
N GLY B 180 -4.35 4.10 15.07
CA GLY B 180 -4.45 3.33 13.85
C GLY B 180 -3.67 3.99 12.72
N GLY B 181 -4.34 4.19 11.59
CA GLY B 181 -3.72 4.87 10.46
C GLY B 181 -3.22 6.26 10.81
N GLY B 182 -3.83 6.88 11.81
CA GLY B 182 -3.40 8.18 12.26
C GLY B 182 -2.04 8.10 12.95
N HIS B 183 -1.83 7.01 13.68
CA HIS B 183 -0.54 6.78 14.32
C HIS B 183 0.54 6.57 13.25
N SER B 184 0.22 5.75 12.26
CA SER B 184 1.17 5.48 11.17
C SER B 184 1.56 6.76 10.44
N LEU B 185 0.59 7.64 10.22
CA LEU B 185 0.86 8.92 9.56
C LEU B 185 1.87 9.75 10.35
N HIS B 186 1.69 9.81 11.67
CA HIS B 186 2.64 10.53 12.50
C HIS B 186 4.04 9.94 12.37
N VAL B 187 4.12 8.61 12.43
CA VAL B 187 5.40 7.93 12.37
C VAL B 187 6.22 8.26 11.12
N VAL B 188 5.57 8.34 9.96
CA VAL B 188 6.29 8.56 8.72
C VAL B 188 6.70 10.01 8.47
N CYS B 189 6.13 10.95 9.24
CA CYS B 189 6.55 12.34 9.12
C CYS B 189 8.01 12.52 9.56
N ASP B 190 8.70 13.48 8.95
CA ASP B 190 10.11 13.75 9.27
C ASP B 190 10.32 13.98 10.76
N LEU B 191 9.46 14.81 11.34
CA LEU B 191 9.57 15.20 12.74
C LEU B 191 8.18 15.17 13.35
N THR B 192 8.12 14.97 14.67
CA THR B 192 6.85 15.07 15.37
C THR B 192 6.98 15.92 16.63
N LEU B 193 6.07 16.88 16.77
CA LEU B 193 5.91 17.64 18.01
C LEU B 193 4.55 17.26 18.56
N ALA B 194 4.44 17.13 19.88
CA ALA B 194 3.21 16.60 20.46
C ALA B 194 2.69 17.41 21.65
N SER B 195 1.37 17.54 21.71
CA SER B 195 0.68 18.21 22.81
C SER B 195 0.88 17.47 24.12
N ARG B 196 1.46 18.13 25.11
CA ARG B 196 1.70 17.51 26.40
C ARG B 196 0.39 16.98 26.99
N GLU B 197 -0.63 17.82 26.99
CA GLU B 197 -1.90 17.51 27.63
C GLU B 197 -2.76 16.50 26.87
N TYR B 198 -2.78 16.59 25.54
CA TYR B 198 -3.79 15.89 24.78
C TYR B 198 -3.30 14.85 23.76
N ALA B 199 -2.03 14.88 23.40
CA ALA B 199 -1.51 13.86 22.49
C ALA B 199 -1.71 12.47 23.09
N ARG B 200 -2.24 11.55 22.31
CA ARG B 200 -2.37 10.16 22.73
C ARG B 200 -2.01 9.26 21.57
N PHE B 201 -1.02 8.40 21.77
CA PHE B 201 -0.53 7.53 20.70
C PHE B 201 -0.98 6.09 20.93
N LYS B 202 -1.59 5.49 19.92
CA LYS B 202 -2.07 4.11 20.02
C LYS B 202 -2.05 3.44 18.65
N GLN B 203 -1.37 2.30 18.54
N GLN B 203 -1.29 2.35 18.56
CA GLN B 203 -1.20 1.64 17.25
CA GLN B 203 -1.29 1.53 17.36
C GLN B 203 -2.48 1.01 16.66
C GLN B 203 -2.33 0.44 17.56
N THR B 204 -3.19 0.22 17.46
N THR B 204 -3.47 0.58 16.88
CA THR B 204 -4.43 -0.46 17.04
CA THR B 204 -4.54 -0.39 17.03
C THR B 204 -4.30 -1.21 15.71
C THR B 204 -4.44 -1.46 15.95
N ASP B 205 -5.44 -1.50 15.08
C GLY B 216 5.26 0.17 11.20
N SER B 217 5.37 -1.14 11.46
CA SER B 217 6.18 -1.63 12.57
C SER B 217 7.66 -1.42 12.26
N ALA B 218 8.04 -1.68 11.01
CA ALA B 218 9.41 -1.52 10.58
C ALA B 218 9.90 -0.10 10.77
N TYR B 219 9.14 0.87 10.29
CA TYR B 219 9.54 2.26 10.36
C TYR B 219 9.59 2.74 11.81
N LEU B 220 8.62 2.30 12.60
CA LEU B 220 8.60 2.67 14.01
C LEU B 220 9.85 2.14 14.73
N ALA B 221 10.27 0.93 14.40
CA ALA B 221 11.44 0.33 15.04
C ALA B 221 12.70 1.13 14.75
N ARG B 222 12.72 1.82 13.60
CA ARG B 222 13.86 2.66 13.22
C ARG B 222 13.87 3.97 13.99
N GLN B 223 12.89 4.16 14.87
CA GLN B 223 12.84 5.35 15.71
C GLN B 223 12.99 4.99 17.19
N VAL B 224 12.30 3.94 17.64
CA VAL B 224 12.30 3.59 19.07
C VAL B 224 13.02 2.28 19.39
N GLY B 225 13.50 1.58 18.37
CA GLY B 225 14.13 0.29 18.58
C GLY B 225 13.10 -0.84 18.50
N GLN B 226 13.57 -2.06 18.27
CA GLN B 226 12.65 -3.17 18.05
C GLN B 226 11.83 -3.55 19.29
N LYS B 227 12.47 -3.54 20.46
CA LYS B 227 11.76 -3.90 21.69
C LYS B 227 10.55 -2.99 21.92
N PHE B 228 10.77 -1.68 21.87
CA PHE B 228 9.68 -0.74 22.12
C PHE B 228 8.63 -0.76 21.00
N ALA B 229 9.07 -0.93 19.77
CA ALA B 229 8.14 -0.98 18.65
C ALA B 229 7.23 -2.21 18.77
N ARG B 230 7.80 -3.34 19.15
CA ARG B 230 7.00 -4.54 19.35
C ARG B 230 6.03 -4.39 20.52
N GLU B 231 6.46 -3.69 21.56
CA GLU B 231 5.56 -3.39 22.68
C GLU B 231 4.37 -2.57 22.22
N ILE B 232 4.64 -1.47 21.51
CA ILE B 232 3.60 -0.58 21.00
C ILE B 232 2.59 -1.35 20.13
N PHE B 233 3.10 -2.19 19.25
CA PHE B 233 2.24 -2.97 18.36
C PHE B 233 1.48 -4.11 19.07
N PHE B 234 2.18 -4.88 19.90
CA PHE B 234 1.59 -6.10 20.49
C PHE B 234 0.63 -5.86 21.65
N LEU B 235 0.95 -4.91 22.53
CA LEU B 235 0.06 -4.62 23.67
C LEU B 235 -1.01 -3.59 23.32
N GLY B 236 -0.71 -2.71 22.36
CA GLY B 236 -1.66 -1.72 21.93
C GLY B 236 -2.07 -0.77 23.03
N ARG B 237 -1.13 -0.45 23.92
CA ARG B 237 -1.38 0.52 24.99
C ARG B 237 -1.47 1.92 24.40
N THR B 238 -1.98 2.84 25.20
CA THR B 238 -1.98 4.25 24.84
C THR B 238 -0.81 4.96 25.51
N TYR B 239 -0.10 5.78 24.75
CA TYR B 239 1.08 6.48 25.25
C TYR B 239 0.91 7.98 25.18
N THR B 240 1.56 8.69 26.10
CA THR B 240 1.52 10.14 26.11
C THR B 240 2.64 10.72 25.25
N ALA B 241 2.59 12.03 25.04
CA ALA B 241 3.65 12.73 24.34
C ALA B 241 5.00 12.48 25.00
N GLU B 242 5.05 12.64 26.32
CA GLU B 242 6.30 12.48 27.07
C GLU B 242 6.86 11.07 26.93
N GLN B 243 5.97 10.07 27.00
CA GLN B 243 6.39 8.68 26.87
C GLN B 243 7.00 8.41 25.49
N MET B 244 6.36 8.93 24.44
CA MET B 244 6.86 8.72 23.09
C MET B 244 8.13 9.52 22.83
N HIS B 245 8.27 10.65 23.50
CA HIS B 245 9.49 11.45 23.42
C HIS B 245 10.67 10.69 24.03
N GLN B 246 10.44 10.09 25.19
CA GLN B 246 11.49 9.32 25.86
C GLN B 246 11.91 8.10 25.04
N MET B 247 10.99 7.55 24.26
CA MET B 247 11.28 6.36 23.45
C MET B 247 11.92 6.72 22.11
N GLY B 248 11.70 7.95 21.65
CA GLY B 248 12.38 8.44 20.47
C GLY B 248 11.51 8.65 19.24
N ALA B 249 10.19 8.56 19.41
CA ALA B 249 9.26 8.75 18.28
C ALA B 249 8.69 10.17 18.22
N VAL B 250 8.91 10.94 19.27
CA VAL B 250 8.46 12.33 19.32
C VAL B 250 9.65 13.24 19.62
N ASN B 251 9.88 14.22 18.75
CA ASN B 251 11.04 15.09 18.89
C ASN B 251 10.96 15.99 20.11
N ALA B 252 9.82 16.61 20.33
CA ALA B 252 9.64 17.47 21.48
C ALA B 252 8.18 17.54 21.91
N VAL B 253 8.00 17.82 23.20
CA VAL B 253 6.68 18.01 23.77
C VAL B 253 6.42 19.51 23.96
N ALA B 254 5.23 19.96 23.58
CA ALA B 254 4.87 21.36 23.73
C ALA B 254 3.53 21.50 24.45
N GLU B 255 3.34 22.62 25.14
CA GLU B 255 2.04 22.92 25.72
C GLU B 255 1.01 22.98 24.61
N HIS B 256 -0.17 22.42 24.85
CA HIS B 256 -1.20 22.33 23.82
C HIS B 256 -1.41 23.65 23.08
N ALA B 257 -1.65 24.72 23.84
CA ALA B 257 -1.94 26.03 23.25
C ALA B 257 -0.80 26.56 22.40
N GLU B 258 0.40 26.04 22.63
CA GLU B 258 1.59 26.54 21.94
C GLU B 258 2.09 25.58 20.87
N LEU B 259 1.36 24.49 20.64
CA LEU B 259 1.83 23.46 19.73
C LEU B 259 2.17 23.98 18.33
N GLU B 260 1.29 24.81 17.77
CA GLU B 260 1.54 25.32 16.43
C GLU B 260 2.58 26.45 16.43
N THR B 261 2.61 27.22 17.51
CA THR B 261 3.63 28.25 17.67
C THR B 261 5.02 27.62 17.65
N VAL B 262 5.19 26.52 18.39
CA VAL B 262 6.46 25.80 18.39
C VAL B 262 6.74 25.21 17.01
N GLY B 263 5.71 24.63 16.39
CA GLY B 263 5.85 24.10 15.06
C GLY B 263 6.37 25.15 14.08
N LEU B 264 5.81 26.35 14.18
CA LEU B 264 6.25 27.45 13.33
C LEU B 264 7.68 27.87 13.63
N GLN B 265 8.06 27.81 14.90
CA GLN B 265 9.43 28.13 15.31
C GLN B 265 10.41 27.10 14.75
N TRP B 266 10.06 25.82 14.83
CA TRP B 266 10.87 24.77 14.24
C TRP B 266 10.99 24.93 12.73
N ALA B 267 9.86 25.21 12.08
CA ALA B 267 9.84 25.46 10.64
C ALA B 267 10.75 26.63 10.28
N ALA B 268 10.71 27.68 11.10
CA ALA B 268 11.52 28.86 10.87
C ALA B 268 13.02 28.53 10.88
N GLU B 269 13.43 27.67 11.80
CA GLU B 269 14.83 27.26 11.87
C GLU B 269 15.22 26.44 10.65
N ILE B 270 14.31 25.58 10.20
CA ILE B 270 14.54 24.78 9.01
C ILE B 270 14.69 25.66 7.77
N ASN B 271 13.76 26.59 7.61
CA ASN B 271 13.78 27.50 6.46
C ASN B 271 14.98 28.44 6.48
N ALA B 272 15.49 28.74 7.67
CA ALA B 272 16.67 29.58 7.80
C ALA B 272 17.93 28.84 7.38
N LYS B 273 17.96 27.53 7.62
CA LYS B 273 19.10 26.70 7.24
C LYS B 273 19.02 26.33 5.76
N SER B 274 17.86 26.54 5.16
CA SER B 274 17.64 26.23 3.76
C SER B 274 18.52 27.10 2.85
#